data_2ILT
#
_entry.id   2ILT
#
_cell.length_a   123.871
_cell.length_b   123.871
_cell.length_c   123.871
_cell.angle_alpha   90.000
_cell.angle_beta   90.000
_cell.angle_gamma   90.000
#
_symmetry.space_group_name_H-M   'I 2 3'
#
loop_
_entity.id
_entity.type
_entity.pdbx_description
1 polymer 'Corticosteroid 11-beta-dehydrogenase isozyme 1'
2 non-polymer 'NICKEL (II) ION'
3 non-polymer 'NADP NICOTINAMIDE-ADENINE-DINUCLEOTIDE PHOSPHATE'
4 non-polymer 2-(2-CHLORO-4-FLUOROPHENOXY)-2-METHYL-N-[(1R,2S,3S,5S,7S)-5-(METHYLSULFONYL)-2-ADAMANTYL]PROPANAMIDE
5 water water
#
_entity_poly.entity_id   1
_entity_poly.type   'polypeptide(L)'
_entity_poly.pdbx_seq_one_letter_code
;QHQHQHQHQHQQPNEEFRPEMLQGKKVIVTGASKGIGREMAYHLAKMGAHVVVTARSKETLQKVVSHCLELGAASAHYIA
GTMEDMTFAEQFVAQAGKLMGGLDMLILNHITNTSLNLFHDDIHHVRKSMEVNFLSYVVLTVAALPMLKQSNGSIVVVSS
LAGKVAYPMVAAYSASKFALDGFFSSIRKEYSVSRVNVSITLCVLGLIDTETAMKAVSGIVHMQAAPKEECALEIIKGGA
LRQEEVYYDSSLWTTLLIRNPSRKILEFLYSTSYN
;
_entity_poly.pdbx_strand_id   A
#
# COMPACT_ATOMS: atom_id res chain seq x y z
N GLN A 1 -2.85 6.50 31.30
CA GLN A 1 -2.60 6.54 32.78
C GLN A 1 -1.42 5.66 33.19
N HIS A 2 -1.72 4.41 33.56
CA HIS A 2 -0.74 3.45 34.06
C HIS A 2 0.29 2.98 33.02
N GLN A 3 1.40 2.43 33.51
CA GLN A 3 2.37 1.74 32.68
C GLN A 3 2.45 0.26 33.01
N HIS A 4 3.23 -0.48 32.22
CA HIS A 4 3.56 -1.87 32.49
C HIS A 4 5.06 -2.00 32.68
N GLN A 5 5.45 -2.00 33.95
CA GLN A 5 6.84 -1.86 34.34
C GLN A 5 7.66 -3.14 34.09
N HIS A 6 6.98 -4.27 33.87
CA HIS A 6 7.68 -5.51 33.56
C HIS A 6 8.01 -5.68 32.07
N GLN A 7 7.37 -4.89 31.23
CA GLN A 7 7.53 -5.02 29.78
C GLN A 7 8.89 -4.44 29.34
N HIS A 8 9.62 -5.21 28.56
CA HIS A 8 10.99 -4.88 28.15
C HIS A 8 11.06 -3.69 27.19
N GLN A 9 12.24 -3.06 27.18
CA GLN A 9 12.61 -2.03 26.20
C GLN A 9 14.03 -2.33 25.76
N HIS A 10 14.41 -1.81 24.59
CA HIS A 10 15.77 -1.96 24.08
C HIS A 10 16.62 -0.69 24.26
N GLN A 11 17.94 -0.87 24.23
CA GLN A 11 18.87 0.24 24.23
C GLN A 11 19.23 0.65 22.81
N GLN A 12 19.53 1.94 22.62
CA GLN A 12 19.87 2.47 21.30
C GLN A 12 20.84 3.66 21.35
N PRO A 13 21.41 4.03 20.19
CA PRO A 13 21.36 5.35 19.51
C PRO A 13 20.32 5.61 18.36
N ASN A 14 19.03 5.27 18.56
CA ASN A 14 17.81 5.82 17.82
C ASN A 14 16.45 5.02 17.67
N GLU A 15 15.97 4.78 16.44
CA GLU A 15 14.49 4.61 16.17
C GLU A 15 13.81 3.23 15.78
N GLU A 16 12.59 3.01 16.31
CA GLU A 16 11.73 1.80 16.12
C GLU A 16 10.27 2.22 15.72
N PHE A 17 9.36 1.26 15.56
CA PHE A 17 7.93 1.59 15.37
C PHE A 17 7.10 1.60 16.67
N ARG A 18 6.21 2.58 16.77
CA ARG A 18 5.23 2.67 17.85
C ARG A 18 3.88 3.06 17.25
N PRO A 19 2.79 2.44 17.73
CA PRO A 19 1.42 2.75 17.26
C PRO A 19 1.01 4.22 17.33
N GLU A 20 1.57 4.95 18.31
CA GLU A 20 1.30 6.38 18.46
C GLU A 20 1.63 7.20 17.21
N MET A 21 2.48 6.64 16.35
CA MET A 21 2.86 7.27 15.08
C MET A 21 1.66 7.38 14.14
N LEU A 22 0.61 6.64 14.43
CA LEU A 22 -0.62 6.65 13.65
C LEU A 22 -1.83 7.24 14.40
N GLN A 23 -1.67 7.48 15.71
CA GLN A 23 -2.71 8.05 16.54
C GLN A 23 -3.10 9.45 16.09
N GLY A 24 -4.34 9.60 15.66
CA GLY A 24 -4.84 10.90 15.18
C GLY A 24 -4.45 11.18 13.74
N LYS A 25 -3.80 10.22 13.10
CA LYS A 25 -3.41 10.38 11.69
C LYS A 25 -4.58 10.12 10.78
N LYS A 26 -4.55 10.76 9.62
CA LYS A 26 -5.66 10.72 8.69
C LYS A 26 -5.27 9.91 7.46
N VAL A 27 -5.91 8.74 7.34
CA VAL A 27 -5.43 7.69 6.45
C VAL A 27 -6.53 7.18 5.50
N ILE A 28 -6.20 7.12 4.21
CA ILE A 28 -7.04 6.49 3.19
C ILE A 28 -6.49 5.10 2.95
N VAL A 29 -7.37 4.11 2.94
CA VAL A 29 -7.03 2.75 2.54
C VAL A 29 -7.94 2.41 1.36
N THR A 30 -7.33 2.03 0.24
CA THR A 30 -8.11 1.59 -0.92
C THR A 30 -8.12 0.06 -0.96
N GLY A 31 -9.09 -0.50 -1.66
CA GLY A 31 -9.30 -1.96 -1.68
C GLY A 31 -9.50 -2.53 -0.29
N ALA A 32 -10.30 -1.84 0.51
CA ALA A 32 -10.36 -2.12 1.95
C ALA A 32 -11.56 -2.93 2.40
N SER A 33 -12.32 -3.47 1.45
CA SER A 33 -13.48 -4.29 1.78
C SER A 33 -13.11 -5.71 2.19
N LYS A 34 -11.91 -6.14 1.79
CA LYS A 34 -11.43 -7.49 2.11
C LYS A 34 -9.91 -7.62 2.06
N GLY A 35 -9.41 -8.77 2.52
CA GLY A 35 -7.98 -9.07 2.47
C GLY A 35 -7.07 -8.14 3.25
N ILE A 36 -5.94 -7.82 2.65
CA ILE A 36 -4.90 -6.99 3.25
C ILE A 36 -5.39 -5.57 3.51
N GLY A 37 -6.17 -5.03 2.57
CA GLY A 37 -6.77 -3.71 2.73
C GLY A 37 -7.62 -3.58 3.98
N ARG A 38 -8.52 -4.55 4.18
CA ARG A 38 -9.37 -4.62 5.36
C ARG A 38 -8.57 -4.77 6.65
N GLU A 39 -7.60 -5.68 6.66
CA GLU A 39 -6.69 -5.84 7.81
C GLU A 39 -5.97 -4.53 8.17
N MET A 40 -5.49 -3.81 7.16
CA MET A 40 -4.84 -2.50 7.38
C MET A 40 -5.78 -1.46 7.99
N ALA A 41 -7.02 -1.42 7.51
CA ALA A 41 -8.05 -0.59 8.11
C ALA A 41 -8.19 -0.90 9.59
N TYR A 42 -8.29 -2.18 9.91
CA TYR A 42 -8.39 -2.61 11.31
C TYR A 42 -7.19 -2.21 12.16
N HIS A 43 -5.98 -2.51 11.70
CA HIS A 43 -4.79 -2.09 12.43
C HIS A 43 -4.79 -0.59 12.72
N LEU A 44 -5.14 0.22 11.73
CA LEU A 44 -5.17 1.67 11.86
C LEU A 44 -6.23 2.16 12.83
N ALA A 45 -7.39 1.49 12.81
CA ALA A 45 -8.44 1.73 13.80
C ALA A 45 -7.92 1.50 15.23
N LYS A 46 -7.35 0.32 15.48
CA LYS A 46 -6.72 -0.02 16.77
C LYS A 46 -5.68 0.99 17.25
N MET A 47 -5.01 1.65 16.32
CA MET A 47 -4.01 2.67 16.66
C MET A 47 -4.63 4.06 16.83
N GLY A 48 -5.95 4.17 16.65
CA GLY A 48 -6.67 5.44 16.85
C GLY A 48 -6.43 6.44 15.74
N ALA A 49 -6.38 5.94 14.51
CA ALA A 49 -6.28 6.78 13.33
C ALA A 49 -7.67 7.19 12.88
N HIS A 50 -7.74 8.25 12.09
CA HIS A 50 -8.92 8.53 11.27
C HIS A 50 -8.74 7.75 9.97
N VAL A 51 -9.73 6.94 9.60
CA VAL A 51 -9.67 6.19 8.36
C VAL A 51 -10.81 6.52 7.37
N VAL A 52 -10.46 6.66 6.10
CA VAL A 52 -11.46 6.62 5.04
C VAL A 52 -11.12 5.44 4.13
N VAL A 53 -12.05 4.49 4.06
CA VAL A 53 -11.88 3.27 3.30
C VAL A 53 -12.71 3.33 2.02
N THR A 54 -12.22 2.68 0.98
CA THR A 54 -12.96 2.63 -0.29
C THR A 54 -12.85 1.27 -0.95
N ALA A 55 -13.78 1.03 -1.87
CA ALA A 55 -13.93 -0.18 -2.69
C ALA A 55 -15.29 -0.08 -3.41
N ARG A 56 -15.64 -1.08 -4.23
CA ARG A 56 -16.93 -1.06 -4.91
C ARG A 56 -18.10 -1.43 -3.98
N SER A 57 -17.91 -2.42 -3.12
CA SER A 57 -19.00 -2.96 -2.32
C SER A 57 -19.32 -2.09 -1.11
N LYS A 58 -20.39 -1.31 -1.18
CA LYS A 58 -20.72 -0.43 -0.05
C LYS A 58 -21.15 -1.20 1.20
N GLU A 59 -21.83 -2.33 1.00
CA GLU A 59 -22.38 -3.09 2.12
C GLU A 59 -21.27 -3.67 2.99
N THR A 60 -20.21 -4.16 2.35
CA THR A 60 -19.08 -4.70 3.09
C THR A 60 -18.25 -3.58 3.72
N LEU A 61 -18.18 -2.44 3.05
CA LEU A 61 -17.46 -1.28 3.58
C LEU A 61 -18.13 -0.70 4.83
N GLN A 62 -19.46 -0.72 4.86
CA GLN A 62 -20.23 -0.37 6.06
C GLN A 62 -19.80 -1.20 7.27
N LYS A 63 -19.64 -2.51 7.05
CA LYS A 63 -19.17 -3.46 8.07
C LYS A 63 -17.76 -3.14 8.56
N VAL A 64 -16.87 -2.84 7.61
CA VAL A 64 -15.48 -2.51 7.92
C VAL A 64 -15.46 -1.25 8.78
N VAL A 65 -16.18 -0.23 8.32
CA VAL A 65 -16.32 1.05 9.01
C VAL A 65 -16.86 0.86 10.42
N SER A 66 -17.88 0.01 10.55
CA SER A 66 -18.45 -0.31 11.85
C SER A 66 -17.42 -0.97 12.78
N HIS A 67 -16.72 -1.99 12.29
CA HIS A 67 -15.70 -2.66 13.09
C HIS A 67 -14.52 -1.75 13.41
N CYS A 68 -14.16 -0.86 12.49
CA CYS A 68 -13.12 0.14 12.73
C CYS A 68 -13.43 1.01 13.97
N LEU A 69 -14.65 1.55 14.02
CA LEU A 69 -15.14 2.33 15.17
C LEU A 69 -15.09 1.55 16.49
N GLU A 70 -15.39 0.24 16.44
CA GLU A 70 -15.36 -0.65 17.60
C GLU A 70 -13.95 -0.83 18.15
N LEU A 71 -12.98 -0.91 17.22
CA LEU A 71 -11.59 -1.16 17.56
C LEU A 71 -10.88 0.08 18.09
N GLY A 72 -11.54 1.24 18.04
CA GLY A 72 -11.01 2.48 18.61
C GLY A 72 -10.57 3.55 17.62
N ALA A 73 -11.07 3.50 16.38
CA ALA A 73 -10.74 4.53 15.38
C ALA A 73 -11.19 5.92 15.84
N ALA A 74 -10.38 6.93 15.54
CA ALA A 74 -10.72 8.32 15.83
C ALA A 74 -11.95 8.75 15.04
N SER A 75 -12.03 8.32 13.78
CA SER A 75 -13.23 8.38 12.96
C SER A 75 -13.09 7.33 11.87
N ALA A 76 -14.20 6.91 11.28
CA ALA A 76 -14.19 5.90 10.22
C ALA A 76 -15.30 6.16 9.20
N HIS A 77 -14.92 6.31 7.93
CA HIS A 77 -15.87 6.58 6.87
C HIS A 77 -15.56 5.74 5.63
N TYR A 78 -16.57 5.53 4.79
CA TYR A 78 -16.36 4.87 3.52
C TYR A 78 -16.96 5.70 2.39
N ILE A 79 -16.37 5.57 1.20
CA ILE A 79 -16.94 6.11 -0.03
C ILE A 79 -16.82 5.03 -1.08
N ALA A 80 -17.96 4.58 -1.61
CA ALA A 80 -17.99 3.48 -2.55
C ALA A 80 -17.72 3.94 -3.99
N GLY A 81 -17.05 3.09 -4.75
CA GLY A 81 -16.81 3.37 -6.16
C GLY A 81 -15.77 2.46 -6.78
N THR A 82 -15.72 2.48 -8.10
CA THR A 82 -14.74 1.73 -8.86
C THR A 82 -13.57 2.61 -9.27
N MET A 83 -12.38 2.02 -9.21
CA MET A 83 -11.14 2.70 -9.55
C MET A 83 -10.84 2.63 -11.05
N GLU A 84 -11.77 2.01 -11.79
CA GLU A 84 -11.85 2.14 -13.26
C GLU A 84 -12.25 3.55 -13.65
N ASP A 85 -12.95 4.22 -12.73
CA ASP A 85 -13.51 5.56 -12.91
C ASP A 85 -12.52 6.57 -12.31
N MET A 86 -11.73 7.20 -13.19
CA MET A 86 -10.69 8.15 -12.79
C MET A 86 -11.24 9.44 -12.17
N THR A 87 -12.46 9.80 -12.57
CA THR A 87 -13.20 10.94 -11.98
C THR A 87 -13.57 10.62 -10.54
N PHE A 88 -14.02 9.38 -10.31
CA PHE A 88 -14.27 8.92 -8.95
C PHE A 88 -12.98 8.99 -8.13
N ALA A 89 -11.94 8.31 -8.60
CA ALA A 89 -10.65 8.31 -7.92
C ALA A 89 -10.28 9.71 -7.44
N GLU A 90 -10.34 10.67 -8.35
CA GLU A 90 -10.01 12.07 -8.08
C GLU A 90 -10.96 12.71 -7.06
N GLN A 91 -12.26 12.39 -7.16
CA GLN A 91 -13.26 12.97 -6.26
C GLN A 91 -13.26 12.29 -4.91
N PHE A 92 -12.89 11.01 -4.90
CA PHE A 92 -12.82 10.25 -3.66
C PHE A 92 -11.84 10.87 -2.66
N VAL A 93 -10.69 11.28 -3.14
CA VAL A 93 -9.64 11.83 -2.28
C VAL A 93 -10.06 13.20 -1.69
N ALA A 94 -10.65 14.05 -2.53
CA ALA A 94 -11.11 15.37 -2.09
C ALA A 94 -12.18 15.22 -1.01
N GLN A 95 -13.05 14.23 -1.22
CA GLN A 95 -14.15 13.94 -0.34
C GLN A 95 -13.67 13.30 0.95
N ALA A 96 -12.64 12.47 0.84
CA ALA A 96 -12.01 11.79 1.98
C ALA A 96 -11.29 12.77 2.88
N GLY A 97 -10.61 13.74 2.27
CA GLY A 97 -9.84 14.74 3.01
C GLY A 97 -10.70 15.79 3.68
N LYS A 98 -11.88 16.05 3.11
CA LYS A 98 -12.85 16.96 3.70
C LYS A 98 -13.48 16.31 4.93
N LEU A 99 -13.83 15.03 4.80
CA LEU A 99 -14.28 14.21 5.94
C LEU A 99 -13.31 14.27 7.13
N MET A 100 -12.02 14.15 6.87
CA MET A 100 -11.02 14.08 7.93
C MET A 100 -10.39 15.44 8.26
N GLY A 101 -10.56 16.40 7.36
CA GLY A 101 -9.90 17.69 7.50
C GLY A 101 -8.40 17.61 7.24
N GLY A 102 -8.02 16.80 6.25
CA GLY A 102 -6.60 16.61 5.93
C GLY A 102 -6.24 15.18 5.53
N LEU A 103 -4.94 14.96 5.31
CA LEU A 103 -4.44 13.65 4.90
C LEU A 103 -2.98 13.47 5.27
N ASP A 104 -2.70 12.38 5.99
CA ASP A 104 -1.35 12.05 6.43
C ASP A 104 -0.76 10.86 5.67
N MET A 105 -1.62 9.91 5.30
CA MET A 105 -1.16 8.72 4.63
C MET A 105 -2.15 8.24 3.59
N LEU A 106 -1.65 7.99 2.38
CA LEU A 106 -2.42 7.42 1.31
C LEU A 106 -1.94 5.99 1.05
N ILE A 107 -2.80 5.03 1.34
CA ILE A 107 -2.48 3.62 1.17
C ILE A 107 -3.18 3.05 -0.05
N LEU A 108 -2.38 2.80 -1.10
CA LEU A 108 -2.85 2.37 -2.40
C LEU A 108 -2.70 0.86 -2.56
N ASN A 109 -3.82 0.15 -2.43
CA ASN A 109 -3.79 -1.29 -2.23
C ASN A 109 -4.60 -2.11 -3.27
N HIS A 110 -5.63 -1.50 -3.84
CA HIS A 110 -6.58 -2.20 -4.71
C HIS A 110 -5.96 -2.66 -6.03
N ILE A 111 -6.51 -3.75 -6.57
CA ILE A 111 -6.17 -4.26 -7.91
C ILE A 111 -7.46 -4.65 -8.61
N THR A 112 -7.43 -4.73 -9.95
CA THR A 112 -8.54 -5.34 -10.70
C THR A 112 -8.47 -6.87 -10.55
N ASN A 113 -9.60 -7.55 -10.63
CA ASN A 113 -9.63 -9.02 -10.47
C ASN A 113 -8.71 -9.74 -11.47
N THR A 114 -7.86 -10.61 -10.96
CA THR A 114 -6.90 -11.35 -11.81
C THR A 114 -6.76 -12.83 -11.43
N SER A 115 -6.54 -13.67 -12.45
CA SER A 115 -6.37 -15.10 -12.26
C SER A 115 -5.11 -15.59 -12.97
N LEU A 116 -4.63 -16.78 -12.61
CA LEU A 116 -3.47 -17.40 -13.28
C LEU A 116 -3.89 -18.06 -14.59
N ASN A 117 -3.39 -17.51 -15.69
CA ASN A 117 -3.64 -18.04 -17.02
C ASN A 117 -2.49 -17.63 -17.93
N LEU A 118 -2.16 -18.48 -18.91
CA LEU A 118 -1.26 -18.10 -19.98
C LEU A 118 -1.89 -16.94 -20.77
N PHE A 119 -1.04 -16.04 -21.25
CA PHE A 119 -1.53 -14.94 -22.06
C PHE A 119 -1.71 -15.32 -23.52
N HIS A 120 -2.90 -15.02 -24.03
CA HIS A 120 -3.15 -14.86 -25.46
C HIS A 120 -4.43 -14.07 -25.64
N ASP A 121 -4.36 -13.02 -26.43
CA ASP A 121 -5.57 -12.28 -26.88
C ASP A 121 -6.41 -11.46 -25.86
N ASP A 122 -6.14 -11.57 -24.55
CA ASP A 122 -6.92 -10.78 -23.58
C ASP A 122 -6.33 -9.37 -23.37
N ILE A 123 -6.36 -8.58 -24.44
CA ILE A 123 -5.88 -7.20 -24.42
C ILE A 123 -6.65 -6.32 -23.43
N HIS A 124 -7.96 -6.58 -23.31
CA HIS A 124 -8.81 -5.88 -22.34
C HIS A 124 -8.35 -6.01 -20.89
N HIS A 125 -8.00 -7.23 -20.47
CA HIS A 125 -7.47 -7.45 -19.13
C HIS A 125 -6.16 -6.69 -18.90
N VAL A 126 -5.31 -6.67 -19.93
CA VAL A 126 -4.05 -5.92 -19.89
C VAL A 126 -4.29 -4.42 -19.69
N ARG A 127 -5.22 -3.85 -20.45
CA ARG A 127 -5.56 -2.43 -20.35
C ARG A 127 -6.19 -2.12 -18.99
N LYS A 128 -7.16 -2.95 -18.61
CA LYS A 128 -7.86 -2.82 -17.34
C LYS A 128 -6.88 -2.95 -16.15
N SER A 129 -5.90 -3.86 -16.28
CA SER A 129 -4.79 -3.98 -15.32
C SER A 129 -3.98 -2.69 -15.21
N MET A 130 -3.65 -2.10 -16.34
CA MET A 130 -2.88 -0.86 -16.32
C MET A 130 -3.68 0.32 -15.75
N GLU A 131 -4.97 0.37 -16.07
CA GLU A 131 -5.85 1.45 -15.61
C GLU A 131 -6.13 1.38 -14.12
N VAL A 132 -6.60 0.24 -13.66
CA VAL A 132 -6.95 0.05 -12.27
C VAL A 132 -5.70 -0.06 -11.36
N ASN A 133 -4.81 -1.00 -11.68
CA ASN A 133 -3.65 -1.28 -10.83
C ASN A 133 -2.58 -0.21 -10.84
N PHE A 134 -2.51 0.56 -11.92
CA PHE A 134 -1.45 1.56 -12.06
C PHE A 134 -1.95 3.00 -12.25
N LEU A 135 -2.81 3.23 -13.23
CA LEU A 135 -3.24 4.60 -13.55
C LEU A 135 -3.99 5.30 -12.41
N SER A 136 -4.96 4.61 -11.81
CA SER A 136 -5.71 5.17 -10.69
C SER A 136 -4.83 5.57 -9.49
N TYR A 137 -3.74 4.83 -9.26
CA TYR A 137 -2.76 5.16 -8.22
C TYR A 137 -2.12 6.52 -8.51
N VAL A 138 -1.89 6.80 -9.78
CA VAL A 138 -1.29 8.07 -10.19
C VAL A 138 -2.30 9.19 -10.01
N VAL A 139 -3.55 8.93 -10.41
CA VAL A 139 -4.65 9.89 -10.22
C VAL A 139 -4.92 10.16 -8.72
N LEU A 140 -4.98 9.11 -7.91
CA LEU A 140 -5.15 9.29 -6.46
C LEU A 140 -3.99 10.10 -5.86
N THR A 141 -2.76 9.78 -6.25
CA THR A 141 -1.55 10.49 -5.83
C THR A 141 -1.59 11.98 -6.15
N VAL A 142 -1.96 12.30 -7.39
CA VAL A 142 -2.08 13.69 -7.84
C VAL A 142 -3.13 14.45 -7.01
N ALA A 143 -4.31 13.87 -6.84
CA ALA A 143 -5.37 14.47 -6.02
C ALA A 143 -4.90 14.68 -4.57
N ALA A 144 -4.14 13.73 -4.06
CA ALA A 144 -3.77 13.69 -2.65
C ALA A 144 -2.60 14.58 -2.28
N LEU A 145 -1.76 14.91 -3.26
CA LEU A 145 -0.46 15.54 -2.98
C LEU A 145 -0.46 16.92 -2.27
N PRO A 146 -1.37 17.84 -2.66
CA PRO A 146 -1.45 19.09 -1.88
C PRO A 146 -1.65 18.85 -0.38
N MET A 147 -2.59 17.98 -0.01
CA MET A 147 -2.79 17.63 1.42
C MET A 147 -1.55 16.97 2.06
N LEU A 148 -0.87 16.11 1.31
CA LEU A 148 0.31 15.40 1.83
C LEU A 148 1.52 16.31 1.97
N LYS A 149 1.63 17.28 1.09
CA LYS A 149 2.67 18.31 1.18
C LYS A 149 2.47 19.16 2.45
N GLN A 150 1.22 19.38 2.83
CA GLN A 150 0.90 20.12 4.04
C GLN A 150 1.33 19.38 5.32
N SER A 151 1.02 18.09 5.36
CA SER A 151 1.26 17.27 6.54
C SER A 151 2.62 16.55 6.53
N ASN A 152 3.42 16.79 5.49
CA ASN A 152 4.65 16.02 5.24
C ASN A 152 4.38 14.51 5.34
N GLY A 153 3.29 14.10 4.71
CA GLY A 153 2.77 12.75 4.83
C GLY A 153 3.44 11.73 3.94
N SER A 154 2.70 10.65 3.67
CA SER A 154 3.26 9.47 3.09
C SER A 154 2.32 8.81 2.09
N ILE A 155 2.88 8.27 1.02
CA ILE A 155 2.18 7.42 0.06
C ILE A 155 2.71 6.00 0.16
N VAL A 156 1.81 5.06 0.41
CA VAL A 156 2.19 3.66 0.50
C VAL A 156 1.58 2.91 -0.69
N VAL A 157 2.46 2.30 -1.51
CA VAL A 157 2.07 1.61 -2.76
C VAL A 157 2.25 0.11 -2.57
N VAL A 158 1.14 -0.63 -2.57
CA VAL A 158 1.21 -2.09 -2.45
C VAL A 158 1.56 -2.75 -3.78
N SER A 159 2.68 -3.46 -3.80
CA SER A 159 3.11 -4.17 -5.01
C SER A 159 3.29 -5.65 -4.71
N SER A 160 4.23 -6.28 -5.40
CA SER A 160 4.33 -7.73 -5.40
C SER A 160 5.73 -8.16 -5.81
N LEU A 161 6.11 -9.40 -5.45
CA LEU A 161 7.31 -10.05 -5.99
C LEU A 161 7.28 -10.01 -7.53
N ALA A 162 6.09 -10.15 -8.11
CA ALA A 162 5.85 -10.02 -9.56
C ALA A 162 5.95 -8.59 -10.05
N GLY A 163 6.25 -7.65 -9.16
CA GLY A 163 6.64 -6.30 -9.57
C GLY A 163 8.15 -6.05 -9.47
N LYS A 164 8.95 -7.10 -9.26
CA LYS A 164 10.42 -6.99 -9.16
C LYS A 164 11.14 -8.05 -10.01
N VAL A 165 10.52 -9.22 -10.11
CA VAL A 165 10.98 -10.32 -10.97
C VAL A 165 9.80 -10.83 -11.83
N ALA A 166 10.11 -11.62 -12.85
CA ALA A 166 9.09 -12.13 -13.76
C ALA A 166 8.56 -13.50 -13.34
N TYR A 167 7.31 -13.75 -13.70
CA TYR A 167 6.59 -14.99 -13.39
C TYR A 167 5.62 -15.25 -14.55
N PRO A 168 5.48 -16.54 -14.96
CA PRO A 168 4.44 -16.86 -15.94
C PRO A 168 3.04 -16.75 -15.31
N MET A 169 2.01 -16.63 -16.15
CA MET A 169 0.60 -16.69 -15.72
C MET A 169 0.03 -15.39 -15.18
N VAL A 170 0.90 -14.40 -14.97
CA VAL A 170 0.49 -13.09 -14.43
C VAL A 170 1.10 -11.94 -15.21
N ALA A 171 1.14 -12.05 -16.55
CA ALA A 171 1.84 -11.02 -17.37
C ALA A 171 1.25 -9.63 -17.24
N ALA A 172 -0.07 -9.51 -17.35
CA ALA A 172 -0.74 -8.21 -17.29
C ALA A 172 -0.58 -7.57 -15.90
N TYR A 173 -0.90 -8.34 -14.87
CA TYR A 173 -0.71 -7.97 -13.48
C TYR A 173 0.75 -7.58 -13.23
N SER A 174 1.69 -8.40 -13.71
CA SER A 174 3.12 -8.12 -13.50
C SER A 174 3.58 -6.83 -14.16
N ALA A 175 3.12 -6.61 -15.39
CA ALA A 175 3.36 -5.35 -16.11
C ALA A 175 2.92 -4.10 -15.32
N SER A 176 1.74 -4.16 -14.71
CA SER A 176 1.21 -3.04 -13.94
C SER A 176 2.02 -2.77 -12.67
N LYS A 177 2.47 -3.84 -12.02
CA LYS A 177 3.27 -3.76 -10.78
C LYS A 177 4.72 -3.26 -11.03
N PHE A 178 5.30 -3.66 -12.16
CA PHE A 178 6.56 -3.08 -12.63
C PHE A 178 6.37 -1.58 -12.91
N ALA A 179 5.29 -1.23 -13.64
CA ALA A 179 4.94 0.18 -13.89
C ALA A 179 4.91 1.02 -12.61
N LEU A 180 4.36 0.47 -11.53
CA LEU A 180 4.32 1.18 -10.26
C LEU A 180 5.71 1.54 -9.75
N ASP A 181 6.66 0.63 -9.89
CA ASP A 181 8.03 0.83 -9.48
C ASP A 181 8.65 1.92 -10.35
N GLY A 182 8.59 1.73 -11.66
CA GLY A 182 9.03 2.75 -12.60
C GLY A 182 8.56 4.14 -12.20
N PHE A 183 7.24 4.30 -12.06
CA PHE A 183 6.66 5.62 -11.84
C PHE A 183 6.99 6.25 -10.49
N PHE A 184 6.69 5.55 -9.41
CA PHE A 184 6.84 6.10 -8.07
C PHE A 184 8.31 6.27 -7.63
N SER A 185 9.19 5.35 -8.05
CA SER A 185 10.62 5.47 -7.76
C SER A 185 11.20 6.69 -8.47
N SER A 186 10.60 7.05 -9.62
CA SER A 186 11.01 8.23 -10.38
C SER A 186 10.55 9.54 -9.72
N ILE A 187 9.27 9.64 -9.35
CA ILE A 187 8.78 10.80 -8.61
C ILE A 187 9.43 10.93 -7.20
N ARG A 188 9.77 9.80 -6.57
CA ARG A 188 10.55 9.85 -5.32
C ARG A 188 11.85 10.66 -5.53
N LYS A 189 12.51 10.44 -6.66
CA LYS A 189 13.73 11.18 -6.98
C LYS A 189 13.44 12.65 -7.26
N GLU A 190 12.32 12.90 -7.94
CA GLU A 190 11.87 14.25 -8.21
C GLU A 190 11.55 15.02 -6.92
N TYR A 191 10.87 14.36 -5.97
CA TYR A 191 10.52 14.98 -4.70
C TYR A 191 11.76 15.35 -3.89
N SER A 192 12.76 14.48 -3.92
CA SER A 192 14.07 14.76 -3.33
C SER A 192 14.74 16.05 -3.82
N VAL A 193 14.62 16.37 -5.11
CA VAL A 193 15.29 17.55 -5.66
C VAL A 193 14.42 18.81 -5.61
N SER A 194 13.10 18.62 -5.65
CA SER A 194 12.17 19.75 -5.54
C SER A 194 11.69 19.96 -4.10
N ARG A 195 12.34 19.26 -3.17
CA ARG A 195 12.15 19.43 -1.72
C ARG A 195 10.69 19.21 -1.28
N VAL A 196 10.10 18.16 -1.82
CA VAL A 196 8.75 17.76 -1.47
C VAL A 196 8.89 16.66 -0.41
N ASN A 197 8.40 16.95 0.80
CA ASN A 197 8.65 16.10 1.97
C ASN A 197 7.54 15.08 2.17
N VAL A 198 7.29 14.33 1.10
CA VAL A 198 6.30 13.26 1.06
C VAL A 198 7.03 11.95 0.74
N SER A 199 6.95 11.00 1.66
CA SER A 199 7.64 9.73 1.50
C SER A 199 6.83 8.79 0.60
N ILE A 200 7.53 7.86 -0.04
CA ILE A 200 6.92 6.88 -0.90
C ILE A 200 7.45 5.52 -0.51
N THR A 201 6.54 4.62 -0.17
CA THR A 201 6.86 3.29 0.28
C THR A 201 6.28 2.27 -0.71
N LEU A 202 7.17 1.56 -1.40
CA LEU A 202 6.77 0.50 -2.31
C LEU A 202 6.91 -0.82 -1.56
N CYS A 203 5.79 -1.54 -1.48
CA CYS A 203 5.73 -2.78 -0.72
C CYS A 203 5.75 -4.01 -1.63
N VAL A 204 6.76 -4.85 -1.45
CA VAL A 204 7.01 -6.01 -2.30
C VAL A 204 6.67 -7.26 -1.49
N LEU A 205 5.49 -7.81 -1.79
CA LEU A 205 4.92 -8.88 -1.00
C LEU A 205 4.93 -10.19 -1.76
N GLY A 206 5.30 -11.27 -1.06
CA GLY A 206 5.18 -12.62 -1.60
C GLY A 206 3.74 -13.04 -1.44
N LEU A 207 3.47 -14.34 -1.59
CA LEU A 207 2.11 -14.87 -1.49
C LEU A 207 1.51 -14.67 -0.09
N ILE A 208 0.33 -14.07 -0.05
CA ILE A 208 -0.39 -13.79 1.20
C ILE A 208 -1.72 -14.56 1.23
N ASP A 209 -2.08 -15.08 2.41
CA ASP A 209 -3.20 -16.02 2.56
C ASP A 209 -4.61 -15.42 2.52
N THR A 210 -4.82 -14.42 1.68
CA THR A 210 -6.18 -13.91 1.46
C THR A 210 -6.97 -14.94 0.67
N GLU A 211 -8.28 -14.97 0.91
CA GLU A 211 -9.18 -15.85 0.17
C GLU A 211 -8.97 -15.74 -1.34
N THR A 212 -8.87 -14.51 -1.84
CA THR A 212 -8.70 -14.25 -3.28
C THR A 212 -7.42 -14.88 -3.85
N ALA A 213 -6.27 -14.66 -3.20
CA ALA A 213 -5.00 -15.29 -3.59
C ALA A 213 -5.03 -16.81 -3.48
N MET A 214 -5.56 -17.32 -2.37
CA MET A 214 -5.63 -18.75 -2.12
C MET A 214 -6.52 -19.47 -3.15
N LYS A 215 -7.57 -18.80 -3.59
CA LYS A 215 -8.43 -19.34 -4.64
C LYS A 215 -7.70 -19.31 -5.98
N ALA A 216 -6.99 -18.22 -6.24
CA ALA A 216 -6.29 -18.01 -7.50
C ALA A 216 -5.17 -19.03 -7.74
N VAL A 217 -4.53 -19.47 -6.67
CA VAL A 217 -3.39 -20.38 -6.77
C VAL A 217 -3.72 -21.87 -6.54
N SER A 218 -4.95 -22.15 -6.10
CA SER A 218 -5.38 -23.52 -5.83
C SER A 218 -5.15 -24.45 -7.03
N GLY A 219 -4.38 -25.51 -6.79
CA GLY A 219 -4.08 -26.50 -7.82
C GLY A 219 -3.04 -26.10 -8.86
N ILE A 220 -2.59 -24.84 -8.84
CA ILE A 220 -1.59 -24.34 -9.81
C ILE A 220 -0.21 -24.11 -9.19
N VAL A 221 -0.17 -23.45 -8.02
CA VAL A 221 1.10 -23.28 -7.30
C VAL A 221 0.97 -23.87 -5.90
N HIS A 222 2.02 -24.54 -5.45
CA HIS A 222 2.03 -25.22 -4.16
C HIS A 222 3.09 -24.59 -3.24
N MET A 223 2.75 -23.45 -2.64
CA MET A 223 3.69 -22.70 -1.80
C MET A 223 3.08 -22.18 -0.51
N GLN A 224 3.94 -21.86 0.45
CA GLN A 224 3.54 -21.21 1.70
C GLN A 224 2.93 -19.83 1.43
N ALA A 225 1.91 -19.48 2.20
CA ALA A 225 1.35 -18.12 2.18
C ALA A 225 1.52 -17.50 3.56
N ALA A 226 1.98 -16.26 3.57
CA ALA A 226 2.18 -15.52 4.81
C ALA A 226 0.83 -14.97 5.32
N PRO A 227 0.71 -14.74 6.65
CA PRO A 227 -0.60 -14.36 7.18
C PRO A 227 -0.93 -12.93 6.83
N LYS A 228 -2.17 -12.70 6.40
CA LYS A 228 -2.62 -11.40 5.92
C LYS A 228 -2.60 -10.35 7.01
N GLU A 229 -2.80 -10.81 8.25
CA GLU A 229 -2.87 -9.94 9.41
C GLU A 229 -1.55 -9.19 9.66
N GLU A 230 -0.45 -9.94 9.73
CA GLU A 230 0.87 -9.35 9.91
C GLU A 230 1.40 -8.65 8.66
N CYS A 231 1.09 -9.20 7.49
CA CYS A 231 1.49 -8.53 6.25
C CYS A 231 0.97 -7.10 6.28
N ALA A 232 -0.31 -6.97 6.65
CA ALA A 232 -0.97 -5.67 6.71
C ALA A 232 -0.24 -4.76 7.70
N LEU A 233 0.07 -5.29 8.87
CA LEU A 233 0.84 -4.55 9.88
C LEU A 233 2.23 -4.12 9.39
N GLU A 234 2.90 -4.96 8.60
CA GLU A 234 4.26 -4.60 8.14
C GLU A 234 4.26 -3.49 7.12
N ILE A 235 3.20 -3.45 6.31
CA ILE A 235 2.99 -2.40 5.33
C ILE A 235 2.87 -1.05 6.04
N ILE A 236 2.02 -0.99 7.06
CA ILE A 236 1.80 0.23 7.84
C ILE A 236 3.07 0.70 8.53
N LYS A 237 3.81 -0.23 9.14
CA LYS A 237 5.08 0.10 9.81
C LYS A 237 6.11 0.71 8.84
N GLY A 238 6.26 0.10 7.67
CA GLY A 238 7.16 0.63 6.64
C GLY A 238 6.81 2.04 6.20
N GLY A 239 5.54 2.27 5.90
CA GLY A 239 5.05 3.60 5.53
C GLY A 239 5.23 4.62 6.64
N ALA A 240 4.92 4.23 7.88
CA ALA A 240 5.04 5.12 9.05
C ALA A 240 6.50 5.53 9.28
N LEU A 241 7.42 4.60 9.02
CA LEU A 241 8.86 4.84 9.17
C LEU A 241 9.49 5.49 7.94
N ARG A 242 8.66 5.82 6.94
CA ARG A 242 9.08 6.51 5.71
C ARG A 242 10.15 5.74 4.91
N GLN A 243 10.08 4.41 4.97
CA GLN A 243 11.03 3.54 4.26
C GLN A 243 10.64 3.42 2.79
N GLU A 244 11.64 3.46 1.91
CA GLU A 244 11.44 3.43 0.46
C GLU A 244 10.83 2.11 -0.03
N GLU A 245 11.32 0.99 0.48
CA GLU A 245 10.76 -0.33 0.15
C GLU A 245 10.53 -1.20 1.38
N VAL A 246 9.49 -2.03 1.31
CA VAL A 246 9.18 -3.01 2.35
C VAL A 246 9.14 -4.35 1.65
N TYR A 247 9.71 -5.37 2.30
CA TYR A 247 9.66 -6.74 1.79
C TYR A 247 9.03 -7.64 2.84
N TYR A 248 8.11 -8.49 2.39
CA TYR A 248 7.43 -9.44 3.24
C TYR A 248 7.09 -10.69 2.45
N ASP A 249 7.62 -11.82 2.92
CA ASP A 249 7.45 -13.12 2.27
C ASP A 249 7.71 -14.23 3.28
N SER A 250 7.11 -15.40 3.05
CA SER A 250 7.33 -16.54 3.93
C SER A 250 8.80 -16.97 3.98
N SER A 251 9.53 -16.69 2.91
CA SER A 251 10.90 -17.18 2.72
C SER A 251 11.91 -16.05 2.81
N LEU A 252 12.95 -16.25 3.61
CA LEU A 252 13.94 -15.22 3.81
C LEU A 252 14.99 -15.18 2.67
N TRP A 253 15.13 -16.30 1.95
CA TRP A 253 15.93 -16.33 0.72
C TRP A 253 15.33 -15.45 -0.36
N THR A 254 14.00 -15.50 -0.47
CA THR A 254 13.28 -14.65 -1.40
C THR A 254 13.49 -13.18 -1.11
N THR A 255 13.37 -12.77 0.16
CA THR A 255 13.53 -11.36 0.51
C THR A 255 14.96 -10.88 0.31
N LEU A 256 15.91 -11.80 0.48
CA LEU A 256 17.32 -11.58 0.12
C LEU A 256 17.51 -11.32 -1.38
N LEU A 257 16.84 -12.10 -2.21
CA LEU A 257 17.06 -12.07 -3.66
C LEU A 257 16.26 -11.01 -4.44
N ILE A 258 15.32 -10.33 -3.80
CA ILE A 258 14.58 -9.24 -4.48
C ILE A 258 15.20 -7.86 -4.29
N ARG A 259 16.19 -7.77 -3.42
CA ARG A 259 16.96 -6.54 -3.31
C ARG A 259 17.86 -6.43 -4.53
N ASN A 260 18.09 -5.20 -4.99
CA ASN A 260 18.94 -4.98 -6.15
C ASN A 260 20.00 -3.92 -5.82
N PRO A 261 21.15 -4.36 -5.24
CA PRO A 261 22.21 -3.41 -4.90
C PRO A 261 22.82 -2.71 -6.11
N SER A 262 22.85 -3.40 -7.26
CA SER A 262 23.34 -2.80 -8.50
C SER A 262 22.53 -1.56 -8.87
N ARG A 263 21.21 -1.67 -8.79
CA ARG A 263 20.32 -0.56 -9.10
C ARG A 263 20.48 0.59 -8.10
N LYS A 264 20.57 0.25 -6.82
CA LYS A 264 20.85 1.26 -5.78
C LYS A 264 22.16 2.01 -6.07
N ILE A 265 23.21 1.25 -6.41
CA ILE A 265 24.52 1.81 -6.75
C ILE A 265 24.51 2.66 -8.00
N LEU A 266 23.83 2.19 -9.06
CA LEU A 266 23.71 2.98 -10.30
C LEU A 266 22.98 4.31 -10.05
N GLU A 267 21.87 4.25 -9.33
CA GLU A 267 21.12 5.45 -8.93
C GLU A 267 21.91 6.35 -7.97
N PHE A 268 22.67 5.73 -7.06
CA PHE A 268 23.55 6.45 -6.14
C PHE A 268 24.61 7.26 -6.91
N LEU A 269 25.15 6.69 -7.98
CA LEU A 269 26.14 7.38 -8.83
C LEU A 269 25.53 8.56 -9.58
N TYR A 270 24.30 8.41 -10.05
CA TYR A 270 23.60 9.49 -10.76
C TYR A 270 23.31 10.68 -9.86
N SER A 271 23.02 10.41 -8.60
CA SER A 271 22.68 11.46 -7.63
C SER A 271 23.90 12.04 -6.92
N THR A 272 25.01 11.29 -6.89
CA THR A 272 26.28 11.85 -6.42
C THR A 272 26.86 12.80 -7.47
N SER A 273 26.61 12.50 -8.75
CA SER A 273 26.93 13.41 -9.85
C SER A 273 26.13 14.70 -9.72
N TYR A 274 24.84 14.57 -9.38
CA TYR A 274 23.97 15.71 -9.13
C TYR A 274 24.36 16.49 -7.86
N ASN A 275 24.76 15.77 -6.81
CA ASN A 275 25.15 16.39 -5.55
C ASN A 275 26.42 17.23 -5.64
#